data_8UOS
#
_entry.id   8UOS
#
_cell.length_a   83.343
_cell.length_b   55.220
_cell.length_c   53.875
_cell.angle_alpha   90.000
_cell.angle_beta   103.539
_cell.angle_gamma   90.000
#
_symmetry.space_group_name_H-M   'C 1 2 1'
#
loop_
_entity.id
_entity.type
_entity.pdbx_description
1 polymer IL-1Rmb80
2 non-polymer GLYCEROL
3 water water
#
_entity_poly.entity_id   1
_entity_poly.type   'polypeptide(L)'
_entity_poly.pdbx_seq_one_letter_code
;SDEEEKVRFYLEQAEIHYRLGDPEAAERAIYLAKMIAAENSDPELFEEIEEFEKELLEHHHHHH
;
_entity_poly.pdbx_strand_id   A,B,C,D
#
loop_
_chem_comp.id
_chem_comp.type
_chem_comp.name
_chem_comp.formula
GOL non-polymer GLYCEROL 'C3 H8 O3'
#
# COMPACT_ATOMS: atom_id res chain seq x y z
N SER A 1 -25.80 -2.92 -3.80
CA SER A 1 -25.01 -3.86 -4.57
C SER A 1 -24.73 -5.13 -3.79
N ASP A 2 -24.97 -6.29 -4.43
CA ASP A 2 -24.65 -7.57 -3.80
C ASP A 2 -23.16 -7.66 -3.46
N GLU A 3 -22.31 -7.18 -4.37
CA GLU A 3 -20.87 -7.15 -4.12
C GLU A 3 -20.55 -6.40 -2.84
N GLU A 4 -21.08 -5.17 -2.71
CA GLU A 4 -20.81 -4.36 -1.53
C GLU A 4 -21.35 -5.02 -0.28
N GLU A 5 -22.52 -5.66 -0.37
CA GLU A 5 -23.09 -6.33 0.79
C GLU A 5 -22.22 -7.49 1.24
N LYS A 6 -21.73 -8.29 0.29
CA LYS A 6 -20.88 -9.43 0.65
C LYS A 6 -19.54 -8.97 1.21
N VAL A 7 -18.98 -7.90 0.64
CA VAL A 7 -17.71 -7.37 1.16
C VAL A 7 -17.91 -6.83 2.58
N ARG A 8 -19.01 -6.10 2.81
CA ARG A 8 -19.29 -5.59 4.14
C ARG A 8 -19.37 -6.73 5.16
N PHE A 9 -20.04 -7.82 4.77
CA PHE A 9 -20.14 -8.98 5.65
C PHE A 9 -18.76 -9.53 6.01
N TYR A 10 -17.90 -9.71 5.02
CA TYR A 10 -16.58 -10.28 5.26
C TYR A 10 -15.69 -9.33 6.06
N LEU A 11 -15.83 -8.03 5.84
CA LEU A 11 -15.06 -7.07 6.63
C LEU A 11 -15.51 -7.06 8.08
N GLU A 12 -16.82 -7.18 8.31
CA GLU A 12 -17.32 -7.28 9.68
C GLU A 12 -16.76 -8.52 10.37
N GLN A 13 -16.75 -9.66 9.68
CA GLN A 13 -16.14 -10.86 10.23
C GLN A 13 -14.67 -10.63 10.56
N ALA A 14 -13.95 -9.96 9.66
CA ALA A 14 -12.54 -9.70 9.88
C ALA A 14 -12.31 -8.86 11.13
N GLU A 15 -13.12 -7.81 11.32
CA GLU A 15 -12.94 -6.93 12.48
C GLU A 15 -13.07 -7.69 13.79
N ILE A 16 -14.14 -8.46 13.93
CA ILE A 16 -14.41 -9.11 15.21
C ILE A 16 -13.49 -10.32 15.42
N HIS A 17 -13.10 -11.01 14.33
CA HIS A 17 -12.11 -12.06 14.47
C HIS A 17 -10.78 -11.49 14.96
N TYR A 18 -10.38 -10.33 14.43
CA TYR A 18 -9.14 -9.71 14.86
C TYR A 18 -9.24 -9.19 16.29
N ARG A 19 -10.39 -8.62 16.65
CA ARG A 19 -10.58 -8.14 18.01
C ARG A 19 -10.48 -9.27 19.02
N LEU A 20 -10.93 -10.48 18.65
CA LEU A 20 -10.99 -11.61 19.55
C LEU A 20 -9.72 -12.47 19.50
N GLY A 21 -8.67 -12.00 18.85
CA GLY A 21 -7.40 -12.70 18.87
C GLY A 21 -7.24 -13.83 17.87
N ASP A 22 -7.91 -13.74 16.73
CA ASP A 22 -7.82 -14.76 15.68
CA ASP A 22 -7.81 -14.76 15.67
C ASP A 22 -7.50 -14.07 14.35
N PRO A 23 -6.28 -13.57 14.19
CA PRO A 23 -5.94 -12.83 12.96
C PRO A 23 -5.99 -13.69 11.71
N GLU A 24 -5.71 -15.00 11.82
CA GLU A 24 -5.77 -15.85 10.63
C GLU A 24 -7.19 -16.00 10.13
N ALA A 25 -8.15 -16.19 11.03
CA ALA A 25 -9.55 -16.19 10.63
C ALA A 25 -9.95 -14.86 10.03
N ALA A 26 -9.40 -13.76 10.56
CA ALA A 26 -9.66 -12.44 9.99
C ALA A 26 -9.12 -12.36 8.56
N GLU A 27 -7.93 -12.90 8.32
CA GLU A 27 -7.34 -12.86 6.98
C GLU A 27 -8.02 -13.81 6.01
N ARG A 28 -8.68 -14.86 6.50
CA ARG A 28 -9.50 -15.69 5.64
C ARG A 28 -10.69 -14.91 5.10
N ALA A 29 -11.30 -14.08 5.95
CA ALA A 29 -12.42 -13.25 5.50
C ALA A 29 -11.96 -12.16 4.55
N ILE A 30 -10.82 -11.52 4.86
CA ILE A 30 -10.30 -10.47 3.98
C ILE A 30 -9.98 -11.03 2.59
N TYR A 31 -9.46 -12.25 2.54
CA TYR A 31 -9.20 -12.89 1.26
C TYR A 31 -10.45 -12.98 0.40
N LEU A 32 -11.56 -13.46 1.00
CA LEU A 32 -12.81 -13.57 0.26
C LEU A 32 -13.32 -12.20 -0.17
N ALA A 33 -13.13 -11.18 0.68
CA ALA A 33 -13.58 -9.84 0.33
C ALA A 33 -12.77 -9.28 -0.83
N LYS A 34 -11.45 -9.44 -0.80
CA LYS A 34 -10.62 -8.97 -1.90
C LYS A 34 -10.99 -9.68 -3.20
N MET A 35 -11.29 -10.98 -3.12
CA MET A 35 -11.60 -11.74 -4.33
C MET A 35 -12.89 -11.26 -4.96
N ILE A 36 -13.89 -10.91 -4.14
CA ILE A 36 -15.14 -10.37 -4.69
C ILE A 36 -14.89 -9.03 -5.38
N ALA A 37 -14.13 -8.15 -4.72
CA ALA A 37 -13.82 -6.85 -5.31
C ALA A 37 -13.03 -7.00 -6.59
N ALA A 38 -12.05 -7.93 -6.61
CA ALA A 38 -11.29 -8.15 -7.83
C ALA A 38 -12.14 -8.75 -8.94
N GLU A 39 -13.02 -9.70 -8.59
CA GLU A 39 -13.87 -10.33 -9.58
C GLU A 39 -14.84 -9.34 -10.21
N ASN A 40 -15.25 -8.32 -9.46
CA ASN A 40 -16.22 -7.35 -9.95
C ASN A 40 -15.57 -6.13 -10.61
N SER A 41 -14.26 -6.18 -10.87
CA SER A 41 -13.53 -5.06 -11.47
C SER A 41 -13.77 -3.76 -10.68
N ASP A 42 -13.52 -3.85 -9.37
CA ASP A 42 -13.74 -2.72 -8.45
C ASP A 42 -12.41 -2.43 -7.76
N PRO A 43 -11.51 -1.70 -8.41
CA PRO A 43 -10.23 -1.40 -7.77
C PRO A 43 -10.37 -0.50 -6.56
N GLU A 44 -11.36 0.39 -6.57
CA GLU A 44 -11.57 1.27 -5.42
C GLU A 44 -11.96 0.45 -4.19
N LEU A 45 -12.90 -0.47 -4.33
CA LEU A 45 -13.28 -1.31 -3.21
C LEU A 45 -12.12 -2.19 -2.78
N PHE A 46 -11.40 -2.76 -3.74
CA PHE A 46 -10.21 -3.55 -3.42
C PHE A 46 -9.22 -2.73 -2.62
N GLU A 47 -9.04 -1.46 -2.99
CA GLU A 47 -8.13 -0.59 -2.24
C GLU A 47 -8.69 -0.27 -0.86
N GLU A 48 -10.02 -0.09 -0.75
CA GLU A 48 -10.64 0.13 0.54
C GLU A 48 -10.42 -1.07 1.46
N ILE A 49 -10.51 -2.28 0.91
CA ILE A 49 -10.28 -3.48 1.70
C ILE A 49 -8.85 -3.53 2.22
N GLU A 50 -7.88 -3.16 1.37
CA GLU A 50 -6.49 -3.13 1.80
C GLU A 50 -6.29 -2.13 2.93
N GLU A 51 -6.88 -0.94 2.83
CA GLU A 51 -6.75 0.04 3.89
C GLU A 51 -7.40 -0.45 5.17
N PHE A 52 -8.56 -1.10 5.05
CA PHE A 52 -9.20 -1.75 6.19
C PHE A 52 -8.24 -2.76 6.83
N GLU A 53 -7.68 -3.65 6.01
CA GLU A 53 -6.74 -4.65 6.50
C GLU A 53 -5.54 -4.00 7.18
N LYS A 54 -5.02 -2.91 6.60
CA LYS A 54 -3.86 -2.25 7.19
C LYS A 54 -4.19 -1.66 8.54
N GLU A 55 -5.37 -1.03 8.68
CA GLU A 55 -5.78 -0.48 9.96
C GLU A 55 -5.90 -1.56 11.02
N LEU A 56 -6.36 -2.75 10.62
CA LEU A 56 -6.46 -3.86 11.57
C LEU A 56 -5.08 -4.32 12.04
N LEU A 57 -4.17 -4.57 11.09
CA LEU A 57 -2.83 -5.03 11.42
C LEU A 57 -2.01 -4.01 12.19
N GLU A 58 -2.43 -2.75 12.20
CA GLU A 58 -1.69 -1.70 12.89
C GLU A 58 -2.59 -0.89 13.81
N SER B 1 -16.37 20.71 -8.57
CA SER B 1 -15.46 19.89 -9.37
C SER B 1 -14.99 18.67 -8.60
N ASP B 2 -15.04 17.50 -9.27
CA ASP B 2 -14.61 16.26 -8.63
C ASP B 2 -13.12 16.29 -8.34
N GLU B 3 -12.33 16.90 -9.22
CA GLU B 3 -10.90 17.04 -8.97
C GLU B 3 -10.64 17.78 -7.67
N GLU B 4 -11.31 18.92 -7.47
CA GLU B 4 -11.14 19.68 -6.25
C GLU B 4 -11.61 18.89 -5.04
N GLU B 5 -12.77 18.23 -5.15
CA GLU B 5 -13.30 17.46 -4.03
C GLU B 5 -12.35 16.35 -3.62
N LYS B 6 -11.73 15.67 -4.60
CA LYS B 6 -10.79 14.62 -4.26
C LYS B 6 -9.52 15.17 -3.64
N VAL B 7 -8.96 16.23 -4.21
CA VAL B 7 -7.71 16.80 -3.67
C VAL B 7 -7.95 17.35 -2.27
N ARG B 8 -9.10 17.99 -2.05
CA ARG B 8 -9.43 18.47 -0.71
C ARG B 8 -9.46 17.33 0.30
N PHE B 9 -10.07 16.20 -0.08
CA PHE B 9 -10.10 15.03 0.79
C PHE B 9 -8.70 14.55 1.15
N TYR B 10 -7.82 14.45 0.14
CA TYR B 10 -6.49 13.91 0.38
C TYR B 10 -5.65 14.83 1.24
N LEU B 11 -5.77 16.15 1.05
CA LEU B 11 -5.00 17.09 1.87
C LEU B 11 -5.51 17.12 3.30
N GLU B 12 -6.83 17.01 3.49
CA GLU B 12 -7.36 16.84 4.84
C GLU B 12 -6.74 15.63 5.51
N GLN B 13 -6.72 14.50 4.80
CA GLN B 13 -6.11 13.28 5.34
C GLN B 13 -4.64 13.48 5.67
N ALA B 14 -3.90 14.12 4.76
CA ALA B 14 -2.48 14.36 4.99
C ALA B 14 -2.27 15.21 6.24
N GLU B 15 -3.13 16.20 6.45
CA GLU B 15 -2.93 17.13 7.56
C GLU B 15 -3.12 16.44 8.91
N ILE B 16 -4.19 15.67 9.07
CA ILE B 16 -4.45 15.06 10.36
C ILE B 16 -3.52 13.87 10.60
N HIS B 17 -3.15 13.15 9.54
CA HIS B 17 -2.20 12.06 9.70
C HIS B 17 -0.86 12.57 10.20
N TYR B 18 -0.37 13.67 9.60
CA TYR B 18 0.89 14.24 10.05
C TYR B 18 0.78 14.80 11.47
N ARG B 19 -0.37 15.39 11.80
CA ARG B 19 -0.60 15.88 13.15
C ARG B 19 -0.57 14.73 14.16
N LEU B 20 -1.02 13.54 13.76
CA LEU B 20 -1.15 12.42 14.67
C LEU B 20 0.07 11.49 14.66
N GLY B 21 1.15 11.88 13.99
CA GLY B 21 2.37 11.09 14.01
C GLY B 21 2.47 10.00 12.98
N ASP B 22 1.73 10.11 11.87
CA ASP B 22 1.79 9.16 10.76
C ASP B 22 2.27 9.90 9.50
N PRO B 23 3.55 10.29 9.45
CA PRO B 23 4.02 11.07 8.29
C PRO B 23 3.93 10.30 6.99
N GLU B 24 4.16 8.98 7.03
CA GLU B 24 4.10 8.18 5.82
C GLU B 24 2.69 8.12 5.27
N ALA B 25 1.70 7.91 6.14
CA ALA B 25 0.31 7.98 5.70
C ALA B 25 -0.02 9.35 5.12
N ALA B 26 0.54 10.41 5.71
CA ALA B 26 0.36 11.75 5.17
C ALA B 26 0.92 11.84 3.75
N GLU B 27 2.12 11.30 3.55
CA GLU B 27 2.75 11.36 2.23
C GLU B 27 2.07 10.45 1.22
N ARG B 28 1.41 9.38 1.67
CA ARG B 28 0.60 8.58 0.76
C ARG B 28 -0.55 9.40 0.21
N ALA B 29 -1.19 10.22 1.06
CA ALA B 29 -2.27 11.07 0.61
C ALA B 29 -1.77 12.17 -0.31
N ILE B 30 -0.59 12.75 0.00
CA ILE B 30 -0.06 13.84 -0.80
C ILE B 30 0.31 13.35 -2.20
N TYR B 31 0.82 12.13 -2.31
CA TYR B 31 1.14 11.56 -3.61
C TYR B 31 -0.09 11.52 -4.51
N LEU B 32 -1.23 11.06 -3.96
CA LEU B 32 -2.44 10.96 -4.76
C LEU B 32 -2.96 12.35 -5.15
N ALA B 33 -2.83 13.33 -4.26
CA ALA B 33 -3.26 14.69 -4.58
C ALA B 33 -2.39 15.28 -5.68
N LYS B 34 -1.07 15.15 -5.57
CA LYS B 34 -0.18 15.60 -6.63
C LYS B 34 -0.52 14.93 -7.95
N MET B 35 -0.83 13.63 -7.90
CA MET B 35 -1.10 12.89 -9.13
C MET B 35 -2.36 13.38 -9.81
N ILE B 36 -3.39 13.73 -9.02
CA ILE B 36 -4.62 14.27 -9.60
C ILE B 36 -4.34 15.60 -10.28
N ALA B 37 -3.60 16.48 -9.59
CA ALA B 37 -3.25 17.77 -10.16
C ALA B 37 -2.50 17.62 -11.48
N ALA B 38 -1.48 16.76 -11.49
CA ALA B 38 -0.70 16.55 -12.71
C ALA B 38 -1.55 15.92 -13.81
N GLU B 39 -2.45 14.99 -13.42
CA GLU B 39 -3.33 14.36 -14.40
C GLU B 39 -4.23 15.37 -15.09
N ASN B 40 -4.74 16.35 -14.33
CA ASN B 40 -5.60 17.38 -14.88
C ASN B 40 -4.83 18.56 -15.44
N SER B 41 -3.53 18.40 -15.66
CA SER B 41 -2.67 19.45 -16.20
C SER B 41 -2.86 20.77 -15.44
N ASP B 42 -2.64 20.68 -14.13
CA ASP B 42 -2.85 21.81 -13.21
C ASP B 42 -1.52 22.13 -12.54
N PRO B 43 -0.64 22.86 -13.23
CA PRO B 43 0.66 23.19 -12.64
C PRO B 43 0.55 24.09 -11.41
N GLU B 44 -0.44 24.99 -11.40
CA GLU B 44 -0.61 25.89 -10.27
C GLU B 44 -0.98 25.12 -9.01
N LEU B 45 -1.98 24.23 -9.11
CA LEU B 45 -2.37 23.44 -7.95
C LEU B 45 -1.26 22.49 -7.52
N PHE B 46 -0.55 21.91 -8.48
CA PHE B 46 0.56 21.02 -8.15
C PHE B 46 1.60 21.74 -7.29
N GLU B 47 1.95 22.96 -7.68
CA GLU B 47 2.90 23.73 -6.88
C GLU B 47 2.33 24.10 -5.52
N GLU B 48 1.03 24.38 -5.45
CA GLU B 48 0.40 24.69 -4.17
C GLU B 48 0.41 23.46 -3.25
N ILE B 49 0.24 22.27 -3.82
CA ILE B 49 0.34 21.05 -3.02
C ILE B 49 1.75 20.89 -2.49
N GLU B 50 2.76 21.18 -3.33
CA GLU B 50 4.14 21.17 -2.86
C GLU B 50 4.36 22.15 -1.72
N GLU B 51 3.79 23.35 -1.81
CA GLU B 51 3.90 24.31 -0.73
C GLU B 51 3.21 23.82 0.53
N PHE B 52 2.01 23.24 0.38
CA PHE B 52 1.33 22.61 1.49
C PHE B 52 2.20 21.54 2.14
N GLU B 53 2.83 20.70 1.31
CA GLU B 53 3.68 19.63 1.80
C GLU B 53 4.88 20.17 2.57
N LYS B 54 5.52 21.22 2.04
CA LYS B 54 6.67 21.80 2.72
C LYS B 54 6.31 22.34 4.08
N GLU B 55 5.15 23.00 4.21
CA GLU B 55 4.71 23.51 5.50
C GLU B 55 4.49 22.39 6.50
N LEU B 56 3.88 21.28 6.05
CA LEU B 56 3.70 20.12 6.93
C LEU B 56 5.04 19.59 7.41
N LEU B 57 5.96 19.35 6.47
CA LEU B 57 7.23 18.71 6.80
C LEU B 57 8.14 19.59 7.65
N GLU B 58 7.96 20.91 7.59
CA GLU B 58 8.80 21.81 8.37
C GLU B 58 7.97 22.57 9.40
N SER C 1 8.03 -26.71 -10.35
CA SER C 1 6.98 -26.20 -11.23
C SER C 1 6.80 -24.70 -11.08
N ASP C 2 6.12 -24.08 -12.05
CA ASP C 2 5.94 -22.63 -12.01
C ASP C 2 5.06 -22.23 -10.83
N GLU C 3 4.06 -23.06 -10.48
CA GLU C 3 3.24 -22.77 -9.31
C GLU C 3 4.10 -22.62 -8.07
N GLU C 4 4.98 -23.60 -7.83
CA GLU C 4 5.84 -23.56 -6.65
C GLU C 4 6.79 -22.37 -6.69
N GLU C 5 7.36 -22.09 -7.87
CA GLU C 5 8.32 -20.99 -7.98
C GLU C 5 7.66 -19.64 -7.70
N LYS C 6 6.44 -19.45 -8.21
CA LYS C 6 5.73 -18.19 -7.97
C LYS C 6 5.33 -18.06 -6.50
N VAL C 7 4.77 -19.13 -5.92
CA VAL C 7 4.38 -19.10 -4.52
C VAL C 7 5.59 -18.84 -3.63
N ARG C 8 6.70 -19.54 -3.91
CA ARG C 8 7.94 -19.29 -3.19
C ARG C 8 8.33 -17.82 -3.28
N PHE C 9 8.29 -17.25 -4.49
CA PHE C 9 8.65 -15.86 -4.70
C PHE C 9 7.81 -14.93 -3.82
N TYR C 10 6.51 -15.17 -3.74
CA TYR C 10 5.63 -14.26 -3.00
C TYR C 10 5.74 -14.45 -1.49
N LEU C 11 5.93 -15.70 -1.04
CA LEU C 11 6.13 -15.90 0.40
C LEU C 11 7.45 -15.34 0.88
N GLU C 12 8.48 -15.36 0.02
CA GLU C 12 9.74 -14.72 0.36
C GLU C 12 9.57 -13.21 0.45
N GLN C 13 8.81 -12.63 -0.50
CA GLN C 13 8.48 -11.21 -0.41
C GLN C 13 7.73 -10.90 0.88
N ALA C 14 6.75 -11.73 1.24
CA ALA C 14 5.95 -11.48 2.42
C ALA C 14 6.81 -11.52 3.68
N GLU C 15 7.76 -12.45 3.75
CA GLU C 15 8.64 -12.54 4.92
C GLU C 15 9.55 -11.32 5.00
N ILE C 16 10.11 -10.91 3.86
CA ILE C 16 10.97 -9.72 3.84
C ILE C 16 10.18 -8.50 4.30
N HIS C 17 8.99 -8.30 3.74
CA HIS C 17 8.18 -7.15 4.10
C HIS C 17 7.78 -7.18 5.57
N TYR C 18 7.50 -8.38 6.10
CA TYR C 18 7.08 -8.47 7.50
C TYR C 18 8.24 -8.13 8.44
N ARG C 19 9.45 -8.62 8.12
CA ARG C 19 10.62 -8.30 8.94
C ARG C 19 10.89 -6.81 8.97
N LEU C 20 10.45 -6.07 7.95
CA LEU C 20 10.69 -4.64 7.85
C LEU C 20 9.59 -3.82 8.51
N GLY C 21 8.61 -4.46 9.15
CA GLY C 21 7.53 -3.73 9.78
C GLY C 21 6.45 -3.26 8.85
N ASP C 22 6.24 -3.96 7.73
CA ASP C 22 5.20 -3.63 6.77
C ASP C 22 4.26 -4.83 6.61
N PRO C 23 3.37 -5.05 7.58
CA PRO C 23 2.46 -6.21 7.48
C PRO C 23 1.55 -6.16 6.27
N GLU C 24 1.16 -4.98 5.82
CA GLU C 24 0.23 -4.89 4.70
C GLU C 24 0.87 -5.36 3.40
N ALA C 25 2.11 -4.95 3.14
CA ALA C 25 2.82 -5.44 1.96
C ALA C 25 3.02 -6.96 2.04
N ALA C 26 3.27 -7.47 3.24
CA ALA C 26 3.35 -8.93 3.43
C ALA C 26 2.01 -9.58 3.08
N GLU C 27 0.91 -9.01 3.55
CA GLU C 27 -0.40 -9.56 3.27
C GLU C 27 -0.77 -9.45 1.78
N ARG C 28 -0.27 -8.41 1.10
CA ARG C 28 -0.50 -8.31 -0.33
C ARG C 28 0.20 -9.43 -1.08
N ALA C 29 1.41 -9.78 -0.67
CA ALA C 29 2.13 -10.89 -1.29
C ALA C 29 1.45 -12.21 -1.00
N ILE C 30 0.95 -12.39 0.23
CA ILE C 30 0.30 -13.64 0.60
C ILE C 30 -1.02 -13.80 -0.16
N TYR C 31 -1.72 -12.70 -0.42
CA TYR C 31 -2.92 -12.76 -1.24
C TYR C 31 -2.62 -13.35 -2.62
N LEU C 32 -1.52 -12.91 -3.23
CA LEU C 32 -1.15 -13.43 -4.55
C LEU C 32 -0.74 -14.89 -4.48
N ALA C 33 -0.02 -15.27 -3.42
CA ALA C 33 0.37 -16.66 -3.24
C ALA C 33 -0.87 -17.54 -3.11
N LYS C 34 -1.81 -17.13 -2.26
CA LYS C 34 -3.06 -17.89 -2.11
C LYS C 34 -3.80 -18.01 -3.43
N MET C 35 -3.85 -16.92 -4.21
CA MET C 35 -4.56 -16.95 -5.48
C MET C 35 -3.96 -17.99 -6.43
N ILE C 36 -2.63 -18.08 -6.45
CA ILE C 36 -1.97 -19.03 -7.35
C ILE C 36 -2.33 -20.47 -6.97
N ALA C 37 -2.28 -20.78 -5.68
CA ALA C 37 -2.66 -22.11 -5.22
C ALA C 37 -4.10 -22.42 -5.56
N ALA C 38 -5.00 -21.46 -5.32
CA ALA C 38 -6.41 -21.66 -5.65
C ALA C 38 -6.61 -21.81 -7.15
N GLU C 39 -5.85 -21.05 -7.95
CA GLU C 39 -5.97 -21.17 -9.41
C GLU C 39 -5.50 -22.53 -9.91
N ASN C 40 -4.57 -23.16 -9.20
CA ASN C 40 -4.06 -24.47 -9.61
C ASN C 40 -4.81 -25.61 -8.95
N SER C 41 -5.98 -25.34 -8.37
CA SER C 41 -6.79 -26.34 -7.67
C SER C 41 -5.93 -27.14 -6.70
N ASP C 42 -5.18 -26.42 -5.88
CA ASP C 42 -4.21 -26.99 -4.95
C ASP C 42 -4.63 -26.65 -3.52
N PRO C 43 -5.66 -27.33 -2.99
CA PRO C 43 -6.15 -26.99 -1.64
C PRO C 43 -5.12 -27.25 -0.55
N GLU C 44 -4.22 -28.21 -0.76
CA GLU C 44 -3.21 -28.50 0.26
C GLU C 44 -2.17 -27.40 0.35
N LEU C 45 -1.72 -26.87 -0.80
CA LEU C 45 -0.79 -25.75 -0.76
C LEU C 45 -1.47 -24.50 -0.24
N PHE C 46 -2.75 -24.31 -0.57
CA PHE C 46 -3.51 -23.18 -0.04
C PHE C 46 -3.54 -23.22 1.48
N GLU C 47 -3.80 -24.39 2.06
CA GLU C 47 -3.84 -24.52 3.51
C GLU C 47 -2.47 -24.31 4.14
N GLU C 48 -1.40 -24.72 3.44
CA GLU C 48 -0.06 -24.49 3.96
C GLU C 48 0.30 -23.01 3.95
N ILE C 49 -0.20 -22.27 2.95
CA ILE C 49 -0.02 -20.83 2.93
C ILE C 49 -0.77 -20.18 4.08
N GLU C 50 -1.96 -20.68 4.40
CA GLU C 50 -2.69 -20.20 5.56
C GLU C 50 -1.90 -20.45 6.85
N GLU C 51 -1.27 -21.63 6.96
CA GLU C 51 -0.43 -21.91 8.12
C GLU C 51 0.75 -20.97 8.18
N PHE C 52 1.38 -20.71 7.03
CA PHE C 52 2.48 -19.77 6.95
C PHE C 52 2.03 -18.37 7.40
N GLU C 53 0.89 -17.92 6.87
CA GLU C 53 0.33 -16.63 7.25
C GLU C 53 0.09 -16.53 8.75
N LYS C 54 -0.44 -17.61 9.33
CA LYS C 54 -0.78 -17.59 10.76
C LYS C 54 0.46 -17.39 11.62
N GLU C 55 1.54 -18.10 11.32
CA GLU C 55 2.75 -17.99 12.12
C GLU C 55 3.37 -16.61 11.99
N LEU C 56 3.27 -15.99 10.80
CA LEU C 56 3.71 -14.60 10.65
C LEU C 56 2.89 -13.68 11.54
N LEU C 57 1.55 -13.81 11.48
CA LEU C 57 0.68 -12.89 12.19
C LEU C 57 0.78 -13.06 13.70
N GLU C 58 1.09 -14.26 14.17
CA GLU C 58 1.08 -14.54 15.60
C GLU C 58 2.49 -14.62 16.18
N SER D 1 18.60 -1.87 -15.70
CA SER D 1 17.45 -1.25 -16.34
C SER D 1 17.43 0.26 -16.12
N ASP D 2 16.77 0.98 -17.03
CA ASP D 2 16.62 2.42 -16.84
C ASP D 2 15.71 2.73 -15.66
N GLU D 3 14.71 1.88 -15.41
CA GLU D 3 13.84 2.07 -14.26
C GLU D 3 14.64 2.11 -12.96
N GLU D 4 15.55 1.14 -12.78
CA GLU D 4 16.32 1.06 -11.55
C GLU D 4 17.31 2.21 -11.45
N GLU D 5 17.99 2.53 -12.54
CA GLU D 5 18.96 3.62 -12.52
C GLU D 5 18.30 4.95 -12.15
N LYS D 6 17.12 5.22 -12.73
CA LYS D 6 16.41 6.45 -12.39
C LYS D 6 15.95 6.45 -10.95
N VAL D 7 15.34 5.35 -10.50
CA VAL D 7 14.85 5.27 -9.13
C VAL D 7 16.02 5.35 -8.14
N ARG D 8 17.11 4.66 -8.43
CA ARG D 8 18.31 4.75 -7.60
C ARG D 8 18.77 6.19 -7.49
N PHE D 9 18.76 6.93 -8.61
CA PHE D 9 19.17 8.32 -8.60
C PHE D 9 18.27 9.15 -7.69
N TYR D 10 16.95 9.02 -7.86
CA TYR D 10 16.02 9.86 -7.12
C TYR D 10 16.06 9.54 -5.62
N LEU D 11 16.19 8.26 -5.26
CA LEU D 11 16.23 7.89 -3.85
C LEU D 11 17.52 8.37 -3.20
N GLU D 12 18.63 8.36 -3.92
CA GLU D 12 19.87 8.92 -3.39
C GLU D 12 19.72 10.43 -3.16
N GLN D 13 19.13 11.13 -4.12
CA GLN D 13 18.82 12.56 -3.94
C GLN D 13 17.94 12.77 -2.72
N ALA D 14 16.92 11.92 -2.55
CA ALA D 14 16.01 12.06 -1.43
C ALA D 14 16.74 11.90 -0.10
N GLU D 15 17.65 10.93 -0.02
CA GLU D 15 18.33 10.63 1.23
C GLU D 15 19.28 11.75 1.63
N ILE D 16 19.99 12.35 0.66
CA ILE D 16 20.92 13.42 0.98
C ILE D 16 20.16 14.71 1.29
N HIS D 17 19.08 14.98 0.55
CA HIS D 17 18.30 16.19 0.80
C HIS D 17 17.66 16.16 2.18
N TYR D 18 17.16 15.00 2.60
CA TYR D 18 16.56 14.91 3.93
C TYR D 18 17.61 15.02 5.02
N ARG D 19 18.79 14.42 4.80
CA ARG D 19 19.86 14.52 5.78
C ARG D 19 20.29 15.96 5.98
N LEU D 20 20.29 16.76 4.91
CA LEU D 20 20.76 18.13 4.95
C LEU D 20 19.66 19.13 5.31
N GLY D 21 18.46 18.66 5.62
CA GLY D 21 17.41 19.53 6.10
C GLY D 21 16.53 20.17 5.06
N ASP D 22 16.33 19.51 3.91
CA ASP D 22 15.42 19.99 2.86
C ASP D 22 14.43 18.86 2.58
N PRO D 23 13.41 18.69 3.44
CA PRO D 23 12.49 17.56 3.27
C PRO D 23 11.65 17.67 2.01
N GLU D 24 11.34 18.89 1.58
CA GLU D 24 10.50 19.06 0.40
C GLU D 24 11.23 18.62 -0.86
N ALA D 25 12.51 18.98 -0.99
CA ALA D 25 13.30 18.49 -2.12
C ALA D 25 13.37 16.96 -2.09
N ALA D 26 13.52 16.37 -0.90
CA ALA D 26 13.51 14.91 -0.78
C ALA D 26 12.19 14.34 -1.28
N GLU D 27 11.07 14.96 -0.87
CA GLU D 27 9.76 14.45 -1.27
C GLU D 27 9.48 14.69 -2.74
N ARG D 28 10.08 15.73 -3.33
CA ARG D 28 9.99 15.90 -4.77
C ARG D 28 10.67 14.74 -5.50
N ALA D 29 11.84 14.32 -5.00
CA ALA D 29 12.52 13.19 -5.60
C ALA D 29 11.74 11.89 -5.41
N ILE D 30 11.13 11.71 -4.24
CA ILE D 30 10.41 10.47 -3.96
C ILE D 30 9.15 10.38 -4.83
N TYR D 31 8.50 11.51 -5.08
CA TYR D 31 7.36 11.51 -6.00
C TYR D 31 7.76 10.99 -7.36
N LEU D 32 8.88 11.46 -7.90
CA LEU D 32 9.34 11.01 -9.20
C LEU D 32 9.68 9.52 -9.18
N ALA D 33 10.24 9.04 -8.06
CA ALA D 33 10.57 7.61 -7.96
C ALA D 33 9.31 6.75 -7.91
N LYS D 34 8.34 7.15 -7.09
CA LYS D 34 7.06 6.43 -7.06
C LYS D 34 6.39 6.45 -8.42
N MET D 35 6.43 7.59 -9.11
CA MET D 35 5.80 7.70 -10.42
C MET D 35 6.43 6.72 -11.41
N ILE D 36 7.74 6.57 -11.39
CA ILE D 36 8.41 5.62 -12.27
C ILE D 36 7.98 4.20 -11.96
N ALA D 37 7.98 3.84 -10.67
CA ALA D 37 7.59 2.49 -10.28
C ALA D 37 6.16 2.19 -10.69
N ALA D 38 5.25 3.15 -10.51
CA ALA D 38 3.86 2.94 -10.91
C ALA D 38 3.73 2.86 -12.42
N GLU D 39 4.46 3.71 -13.16
CA GLU D 39 4.41 3.66 -14.62
C GLU D 39 4.91 2.32 -15.16
N ASN D 40 5.85 1.69 -14.45
CA ASN D 40 6.39 0.40 -14.86
C ASN D 40 5.55 -0.78 -14.36
N SER D 41 4.37 -0.52 -13.80
CA SER D 41 3.51 -1.57 -13.25
C SER D 41 4.27 -2.43 -12.24
N ASP D 42 4.92 -1.75 -11.29
CA ASP D 42 5.80 -2.40 -10.31
C ASP D 42 5.31 -2.07 -8.90
N PRO D 43 4.29 -2.78 -8.42
CA PRO D 43 3.80 -2.52 -7.06
C PRO D 43 4.83 -2.82 -5.99
N GLU D 44 5.68 -3.83 -6.19
CA GLU D 44 6.68 -4.18 -5.19
C GLU D 44 7.69 -3.06 -5.02
N LEU D 45 8.23 -2.53 -6.13
CA LEU D 45 9.14 -1.40 -6.04
C LEU D 45 8.46 -0.19 -5.42
N PHE D 46 7.18 0.01 -5.75
CA PHE D 46 6.42 1.11 -5.16
C PHE D 46 6.36 0.98 -3.64
N GLU D 47 6.04 -0.22 -3.15
CA GLU D 47 6.00 -0.45 -1.70
C GLU D 47 7.36 -0.24 -1.06
N GLU D 48 8.43 -0.70 -1.72
CA GLU D 48 9.77 -0.53 -1.17
C GLU D 48 10.14 0.94 -1.07
N ILE D 49 9.70 1.75 -2.03
CA ILE D 49 9.93 3.19 -1.95
C ILE D 49 9.16 3.80 -0.79
N GLU D 50 7.92 3.33 -0.56
CA GLU D 50 7.16 3.77 0.60
C GLU D 50 7.87 3.41 1.90
N GLU D 51 8.38 2.18 1.99
CA GLU D 51 9.13 1.77 3.18
C GLU D 51 10.38 2.61 3.37
N PHE D 52 11.06 2.94 2.26
CA PHE D 52 12.20 3.85 2.32
C PHE D 52 11.79 5.22 2.81
N GLU D 53 10.72 5.76 2.24
CA GLU D 53 10.17 7.04 2.68
C GLU D 53 9.85 7.04 4.16
N LYS D 54 9.27 5.94 4.66
CA LYS D 54 8.87 5.88 6.06
C LYS D 54 10.08 5.91 6.99
N GLU D 55 11.12 5.15 6.66
CA GLU D 55 12.35 5.20 7.45
C GLU D 55 12.96 6.60 7.42
N LEU D 56 12.86 7.28 6.28
CA LEU D 56 13.35 8.66 6.18
C LEU D 56 12.59 9.58 7.13
N LEU D 57 11.26 9.55 7.05
CA LEU D 57 10.44 10.50 7.79
C LEU D 57 10.42 10.24 9.29
N GLU D 58 10.69 9.01 9.71
CA GLU D 58 10.59 8.65 11.12
C GLU D 58 11.96 8.35 11.74
C1 GOL E . 1.70 4.54 7.23
O1 GOL E . 2.05 3.49 6.35
C2 GOL E . 2.70 4.60 8.36
O2 GOL E . 2.57 3.43 9.14
C3 GOL E . 2.45 5.85 9.20
O3 GOL E . 3.69 6.54 9.30
#